data_7N9D
#
_entry.id   7N9D
#
_cell.length_a   172.293
_cell.length_b   172.293
_cell.length_c   80.958
_cell.angle_alpha   90.000
_cell.angle_beta   90.000
_cell.angle_gamma   120.000
#
_symmetry.space_group_name_H-M   'P 6 2 2'
#
loop_
_entity.id
_entity.type
_entity.pdbx_description
1 polymer 'Isopentenyl phosphate kinase'
2 non-polymer "ADENOSINE-5'-DIPHOSPHATE"
3 non-polymer '(2E)-3-phenylbut-2-en-1-yl dihydrogen phosphate'
4 water water
#
_entity_poly.entity_id   1
_entity_poly.type   'polypeptide(L)'
_entity_poly.pdbx_seq_one_letter_code
;MGSSHHHHHHSSGLVPRGSHMILIKLGGSVITDKSEYHKFNKETVSRLADEIRRSGQDVMVVHGAGSFGHVIAKKYAIQD
GHVDDGQIPAAARAMCDTRELSSMVVEELLAQGIPAVSVAPGSCFVMEDGKLIVDNEEPIRRLADLGIMPVMFGDVVPDR
KKGFAIVSGDQCMEVLCRMFDPEKVVFVSDIDGLYTADPKTDKKARLIGEVTRKKLDEALTDITVADVTGGVHSKMEAML
RMTDRNRRCYLVNGNAPNRLYSLLKGETVTCTVAKGGME
;
_entity_poly.pdbx_strand_id   A,B
#
# COMPACT_ATOMS: atom_id res chain seq x y z
N HIS A 20 6.82 1.77 19.29
CA HIS A 20 8.17 1.35 18.95
C HIS A 20 8.79 0.54 20.10
N MET A 21 8.64 1.06 21.32
CA MET A 21 9.24 0.41 22.49
C MET A 21 8.77 -1.03 22.63
N ILE A 22 7.49 -1.29 22.39
CA ILE A 22 6.95 -2.65 22.40
C ILE A 22 6.50 -2.99 20.98
N LEU A 23 7.12 -4.00 20.39
CA LEU A 23 6.87 -4.40 19.02
C LEU A 23 5.89 -5.57 19.01
N ILE A 24 4.75 -5.39 18.36
CA ILE A 24 3.63 -6.33 18.43
C ILE A 24 3.32 -6.86 17.05
N LYS A 25 3.09 -8.17 16.95
CA LYS A 25 2.60 -8.80 15.74
C LYS A 25 1.20 -9.35 16.00
N LEU A 26 0.22 -8.88 15.22
CA LEU A 26 -1.15 -9.39 15.28
C LEU A 26 -1.23 -10.55 14.29
N GLY A 27 -1.21 -11.78 14.80
CA GLY A 27 -1.07 -12.93 13.94
C GLY A 27 -2.30 -13.21 13.10
N GLY A 28 -2.07 -13.91 11.99
CA GLY A 28 -3.15 -14.28 11.09
C GLY A 28 -4.20 -15.18 11.72
N SER A 29 -3.84 -15.88 12.81
CA SER A 29 -4.79 -16.79 13.44
C SER A 29 -5.83 -16.06 14.28
N VAL A 30 -5.55 -14.85 14.73
CA VAL A 30 -6.51 -14.08 15.50
C VAL A 30 -7.24 -13.06 14.63
N ILE A 31 -6.56 -12.45 13.67
CA ILE A 31 -7.17 -11.42 12.85
C ILE A 31 -7.94 -11.98 11.66
N THR A 32 -7.71 -13.23 11.29
CA THR A 32 -8.47 -13.88 10.23
C THR A 32 -8.93 -15.26 10.68
N ASP A 33 -9.96 -15.76 10.02
CA ASP A 33 -10.37 -17.16 10.12
C ASP A 33 -9.47 -17.94 9.17
N LYS A 34 -8.45 -18.59 9.71
CA LYS A 34 -7.39 -19.17 8.89
C LYS A 34 -7.86 -20.31 8.01
N SER A 35 -9.03 -20.89 8.29
CA SER A 35 -9.55 -21.96 7.46
C SER A 35 -10.53 -21.47 6.39
N GLU A 36 -10.79 -20.17 6.33
CA GLU A 36 -11.77 -19.61 5.40
C GLU A 36 -11.16 -18.42 4.67
N TYR A 37 -10.98 -18.57 3.37
CA TYR A 37 -10.39 -17.50 2.54
C TYR A 37 -11.13 -16.19 2.73
N HIS A 38 -10.36 -15.12 2.96
CA HIS A 38 -10.85 -13.74 2.96
C HIS A 38 -11.86 -13.48 4.08
N LYS A 39 -11.72 -14.16 5.23
CA LYS A 39 -12.64 -14.01 6.36
C LYS A 39 -11.92 -13.30 7.50
N PHE A 40 -12.33 -12.06 7.76
CA PHE A 40 -11.73 -11.19 8.75
C PHE A 40 -12.39 -11.38 10.12
N ASN A 41 -11.61 -11.19 11.17
CA ASN A 41 -12.10 -11.24 12.55
C ASN A 41 -12.11 -9.80 13.09
N LYS A 42 -13.15 -9.05 12.72
CA LYS A 42 -13.19 -7.63 13.03
C LYS A 42 -13.33 -7.37 14.52
N GLU A 43 -14.21 -8.12 15.20
CA GLU A 43 -14.41 -7.90 16.63
C GLU A 43 -13.13 -8.11 17.42
N THR A 44 -12.36 -9.13 17.04
CA THR A 44 -11.09 -9.41 17.73
C THR A 44 -10.10 -8.28 17.52
N VAL A 45 -9.92 -7.84 16.27
CA VAL A 45 -8.97 -6.77 15.98
C VAL A 45 -9.37 -5.49 16.69
N SER A 46 -10.67 -5.20 16.73
CA SER A 46 -11.15 -4.01 17.44
C SER A 46 -10.79 -4.08 18.91
N ARG A 47 -11.01 -5.23 19.54
CA ARG A 47 -10.67 -5.37 20.96
C ARG A 47 -9.17 -5.27 21.18
N LEU A 48 -8.38 -5.95 20.35
CA LEU A 48 -6.92 -5.90 20.51
C LEU A 48 -6.40 -4.48 20.36
N ALA A 49 -6.94 -3.73 19.40
CA ALA A 49 -6.55 -2.33 19.25
C ALA A 49 -6.96 -1.53 20.48
N ASP A 50 -8.13 -1.81 21.05
CA ASP A 50 -8.55 -1.11 22.26
C ASP A 50 -7.65 -1.47 23.43
N GLU A 51 -7.23 -2.73 23.53
CA GLU A 51 -6.32 -3.11 24.60
C GLU A 51 -4.95 -2.47 24.42
N ILE A 52 -4.51 -2.27 23.17
CA ILE A 52 -3.23 -1.62 22.93
C ILE A 52 -3.27 -0.17 23.39
N ARG A 53 -4.35 0.55 23.07
CA ARG A 53 -4.45 1.95 23.52
C ARG A 53 -4.57 2.02 25.03
N ARG A 54 -5.44 1.20 25.62
CA ARG A 54 -5.65 1.23 27.07
C ARG A 54 -4.34 1.02 27.83
N SER A 55 -3.45 0.18 27.28
CA SER A 55 -2.18 -0.07 27.94
C SER A 55 -1.31 1.17 28.02
N GLY A 56 -1.53 2.16 27.15
CA GLY A 56 -0.74 3.37 27.16
C GLY A 56 0.69 3.21 26.72
N GLN A 57 1.07 2.04 26.23
CA GLN A 57 2.45 1.78 25.85
C GLN A 57 2.77 2.32 24.47
N ASP A 58 4.04 2.64 24.26
CA ASP A 58 4.55 2.96 22.93
C ASP A 58 4.70 1.67 22.14
N VAL A 59 4.02 1.59 21.00
CA VAL A 59 3.80 0.33 20.30
C VAL A 59 4.10 0.49 18.82
N MET A 60 4.61 -0.57 18.21
CA MET A 60 4.71 -0.69 16.76
C MET A 60 4.11 -2.04 16.36
N VAL A 61 3.18 -2.02 15.41
CA VAL A 61 2.33 -3.16 15.12
C VAL A 61 2.64 -3.72 13.74
N VAL A 62 2.90 -5.02 13.69
CA VAL A 62 2.92 -5.80 12.45
C VAL A 62 1.72 -6.73 12.52
N HIS A 63 1.25 -7.17 11.35
CA HIS A 63 0.20 -8.18 11.32
C HIS A 63 0.51 -9.19 10.22
N GLY A 64 -0.14 -10.35 10.32
CA GLY A 64 0.02 -11.39 9.33
C GLY A 64 -0.99 -11.29 8.21
N ALA A 65 -0.83 -12.17 7.23
CA ALA A 65 -1.77 -12.23 6.11
C ALA A 65 -2.93 -13.16 6.38
N GLY A 66 -2.73 -14.20 7.20
CA GLY A 66 -3.79 -15.15 7.48
C GLY A 66 -4.36 -15.73 6.22
N SER A 67 -5.68 -15.92 6.23
CA SER A 67 -6.38 -16.46 5.07
C SER A 67 -6.53 -15.45 3.94
N PHE A 68 -6.03 -14.23 4.11
CA PHE A 68 -6.02 -13.24 3.04
C PHE A 68 -4.78 -13.36 2.16
N GLY A 69 -3.92 -14.34 2.42
CA GLY A 69 -2.72 -14.53 1.60
C GLY A 69 -2.32 -15.97 1.45
N HIS A 70 -2.43 -16.75 2.53
CA HIS A 70 -1.87 -18.10 2.53
C HIS A 70 -2.66 -19.06 1.64
N VAL A 71 -3.98 -18.88 1.55
CA VAL A 71 -4.79 -19.81 0.76
C VAL A 71 -4.39 -19.76 -0.71
N ILE A 72 -4.27 -18.55 -1.26
CA ILE A 72 -3.90 -18.41 -2.67
C ILE A 72 -2.42 -18.71 -2.86
N ALA A 73 -1.56 -18.23 -1.95
CA ALA A 73 -0.13 -18.46 -2.09
C ALA A 73 0.20 -19.95 -2.07
N LYS A 74 -0.48 -20.71 -1.22
CA LYS A 74 -0.23 -22.16 -1.19
C LYS A 74 -0.72 -22.83 -2.46
N LYS A 75 -1.87 -22.42 -2.98
CA LYS A 75 -2.41 -23.03 -4.19
C LYS A 75 -1.49 -22.81 -5.39
N TYR A 76 -0.78 -21.68 -5.43
CA TYR A 76 0.07 -21.33 -6.55
C TYR A 76 1.56 -21.40 -6.21
N ALA A 77 1.91 -21.90 -5.04
CA ALA A 77 3.31 -22.07 -4.62
C ALA A 77 4.11 -20.79 -4.83
N ILE A 78 3.58 -19.69 -4.28
CA ILE A 78 4.19 -18.39 -4.53
C ILE A 78 5.53 -18.27 -3.83
N GLN A 79 5.66 -18.86 -2.63
CA GLN A 79 6.92 -18.79 -1.91
C GLN A 79 8.04 -19.59 -2.58
N ASP A 80 7.69 -20.52 -3.46
CA ASP A 80 8.70 -21.30 -4.17
C ASP A 80 9.33 -20.54 -5.34
N GLY A 81 8.81 -19.35 -5.66
CA GLY A 81 9.39 -18.52 -6.70
C GLY A 81 8.56 -18.54 -7.98
N HIS A 82 8.93 -17.63 -8.87
CA HIS A 82 8.25 -17.48 -10.16
C HIS A 82 8.69 -18.61 -11.09
N VAL A 83 7.83 -19.61 -11.26
CA VAL A 83 8.13 -20.75 -12.11
C VAL A 83 7.35 -20.70 -13.42
N ASP A 84 6.06 -20.34 -13.37
CA ASP A 84 5.25 -20.19 -14.57
C ASP A 84 4.48 -18.88 -14.50
N ASP A 85 3.82 -18.55 -15.60
CA ASP A 85 3.16 -17.25 -15.73
C ASP A 85 1.77 -17.21 -15.12
N GLY A 86 1.18 -18.37 -14.82
CA GLY A 86 -0.08 -18.37 -14.08
C GLY A 86 0.03 -17.82 -12.67
N GLN A 87 1.24 -17.67 -12.15
CA GLN A 87 1.43 -17.17 -10.80
C GLN A 87 1.32 -15.65 -10.71
N ILE A 88 1.58 -14.95 -11.81
CA ILE A 88 1.56 -13.48 -11.77
C ILE A 88 0.17 -12.95 -11.43
N PRO A 89 -0.92 -13.38 -12.08
CA PRO A 89 -2.24 -12.89 -11.66
C PRO A 89 -2.60 -13.30 -10.23
N ALA A 90 -2.26 -14.52 -9.84
CA ALA A 90 -2.55 -14.98 -8.49
C ALA A 90 -1.80 -14.18 -7.44
N ALA A 91 -0.53 -13.84 -7.73
CA ALA A 91 0.24 -13.02 -6.81
C ALA A 91 -0.35 -11.62 -6.69
N ALA A 92 -0.78 -11.04 -7.81
CA ALA A 92 -1.43 -9.73 -7.77
C ALA A 92 -2.72 -9.79 -6.95
N ARG A 93 -3.53 -10.82 -7.19
CA ARG A 93 -4.75 -11.02 -6.42
C ARG A 93 -4.45 -11.14 -4.93
N ALA A 94 -3.47 -11.98 -4.58
CA ALA A 94 -3.13 -12.18 -3.18
C ALA A 94 -2.57 -10.91 -2.55
N MET A 95 -1.81 -10.12 -3.32
CA MET A 95 -1.28 -8.86 -2.80
C MET A 95 -2.41 -7.88 -2.51
N CYS A 96 -3.39 -7.79 -3.42
CA CYS A 96 -4.53 -6.91 -3.18
C CYS A 96 -5.35 -7.39 -1.99
N ASP A 97 -5.53 -8.70 -1.86
CA ASP A 97 -6.27 -9.26 -0.73
C ASP A 97 -5.62 -8.86 0.60
N THR A 98 -4.30 -8.99 0.68
CA THR A 98 -3.62 -8.73 1.95
C THR A 98 -3.52 -7.23 2.24
N ARG A 99 -3.34 -6.41 1.19
CA ARG A 99 -3.42 -4.96 1.39
C ARG A 99 -4.81 -4.55 1.83
N GLU A 100 -5.85 -5.26 1.36
CA GLU A 100 -7.20 -5.00 1.81
C GLU A 100 -7.38 -5.42 3.27
N LEU A 101 -6.75 -6.52 3.68
CA LEU A 101 -6.76 -6.91 5.09
C LEU A 101 -6.06 -5.87 5.95
N SER A 102 -4.93 -5.35 5.45
CA SER A 102 -4.20 -4.33 6.20
C SER A 102 -5.04 -3.08 6.40
N SER A 103 -5.82 -2.69 5.39
CA SER A 103 -6.69 -1.53 5.54
CA SER A 103 -6.70 -1.54 5.54
C SER A 103 -7.70 -1.75 6.67
N MET A 104 -8.25 -2.95 6.77
CA MET A 104 -9.21 -3.24 7.84
C MET A 104 -8.53 -3.23 9.20
N VAL A 105 -7.29 -3.72 9.28
CA VAL A 105 -6.54 -3.63 10.52
C VAL A 105 -6.29 -2.17 10.88
N VAL A 106 -5.84 -1.38 9.90
CA VAL A 106 -5.56 0.03 10.14
C VAL A 106 -6.84 0.77 10.53
N GLU A 107 -7.97 0.40 9.92
CA GLU A 107 -9.24 1.02 10.27
C GLU A 107 -9.54 0.85 11.75
N GLU A 108 -9.39 -0.36 12.27
CA GLU A 108 -9.64 -0.59 13.69
C GLU A 108 -8.65 0.16 14.56
N LEU A 109 -7.41 0.31 14.10
CA LEU A 109 -6.42 1.08 14.85
C LEU A 109 -6.79 2.55 14.92
N LEU A 110 -7.14 3.15 13.77
CA LEU A 110 -7.55 4.56 13.76
C LEU A 110 -8.76 4.78 14.65
N ALA A 111 -9.73 3.86 14.60
CA ALA A 111 -10.94 4.02 15.40
C ALA A 111 -10.65 3.99 16.88
N GLN A 112 -9.60 3.29 17.30
CA GLN A 112 -9.20 3.23 18.70
C GLN A 112 -8.18 4.30 19.07
N GLY A 113 -7.99 5.31 18.22
CA GLY A 113 -7.09 6.39 18.54
C GLY A 113 -5.63 6.11 18.31
N ILE A 114 -5.29 5.19 17.41
CA ILE A 114 -3.90 4.86 17.12
C ILE A 114 -3.62 5.20 15.65
N PRO A 115 -3.12 6.40 15.36
CA PRO A 115 -2.80 6.74 13.97
C PRO A 115 -1.77 5.79 13.38
N ALA A 116 -2.07 5.26 12.20
CA ALA A 116 -1.23 4.25 11.59
C ALA A 116 -1.48 4.23 10.09
N VAL A 117 -0.54 3.66 9.35
CA VAL A 117 -0.66 3.54 7.90
C VAL A 117 0.00 2.24 7.47
N SER A 118 -0.62 1.56 6.52
CA SER A 118 -0.06 0.32 5.98
C SER A 118 1.20 0.61 5.17
N VAL A 119 2.22 -0.22 5.37
CA VAL A 119 3.47 -0.15 4.61
C VAL A 119 3.68 -1.54 4.03
N ALA A 120 3.36 -1.71 2.75
CA ALA A 120 3.43 -3.02 2.12
C ALA A 120 4.87 -3.32 1.69
N PRO A 121 5.49 -4.37 2.22
CA PRO A 121 6.89 -4.64 1.87
C PRO A 121 7.11 -4.95 0.40
N GLY A 122 6.12 -5.53 -0.28
CA GLY A 122 6.26 -5.83 -1.68
C GLY A 122 6.25 -4.61 -2.58
N SER A 123 5.81 -3.47 -2.07
CA SER A 123 5.91 -2.21 -2.80
C SER A 123 7.14 -1.41 -2.43
N CYS A 124 7.82 -1.78 -1.35
CA CYS A 124 8.92 -0.99 -0.80
C CYS A 124 10.28 -1.65 -0.92
N PHE A 125 10.34 -2.98 -0.84
CA PHE A 125 11.60 -3.69 -0.66
C PHE A 125 11.70 -4.86 -1.62
N VAL A 126 12.80 -5.61 -1.51
CA VAL A 126 13.05 -6.80 -2.32
C VAL A 126 13.54 -7.91 -1.40
N MET A 127 13.64 -9.11 -1.96
CA MET A 127 14.12 -10.28 -1.24
C MET A 127 15.30 -10.91 -1.95
N GLU A 128 16.13 -11.61 -1.18
CA GLU A 128 17.26 -12.37 -1.71
C GLU A 128 17.59 -13.48 -0.73
N ASP A 129 17.41 -14.73 -1.17
CA ASP A 129 17.70 -15.90 -0.35
C ASP A 129 16.94 -15.86 0.97
N GLY A 130 15.63 -15.70 0.88
CA GLY A 130 14.76 -15.70 2.03
C GLY A 130 14.93 -14.54 2.99
N LYS A 131 15.75 -13.56 2.66
CA LYS A 131 15.96 -12.39 3.52
C LYS A 131 15.32 -11.17 2.88
N LEU A 132 14.69 -10.33 3.72
CA LEU A 132 14.12 -9.08 3.26
C LEU A 132 15.21 -8.00 3.22
N ILE A 133 15.36 -7.37 2.07
CA ILE A 133 16.40 -6.36 1.86
C ILE A 133 15.75 -4.98 2.01
N VAL A 134 16.11 -4.29 3.09
CA VAL A 134 15.57 -2.95 3.35
C VAL A 134 16.68 -1.92 3.12
N ASP A 135 16.81 -1.47 1.89
CA ASP A 135 17.89 -0.55 1.56
C ASP A 135 17.60 0.86 2.07
N ASN A 136 16.35 1.29 2.02
CA ASN A 136 15.95 2.65 2.41
C ASN A 136 15.03 2.56 3.61
N GLU A 137 15.54 2.93 4.78
CA GLU A 137 14.77 2.94 6.02
C GLU A 137 14.14 4.29 6.31
N GLU A 138 14.38 5.30 5.46
CA GLU A 138 13.91 6.65 5.78
C GLU A 138 12.40 6.78 5.83
N PRO A 139 11.61 6.25 4.88
CA PRO A 139 10.15 6.39 5.00
C PRO A 139 9.59 5.80 6.28
N ILE A 140 10.02 4.60 6.66
CA ILE A 140 9.49 3.97 7.88
C ILE A 140 9.91 4.76 9.11
N ARG A 141 11.17 5.22 9.15
CA ARG A 141 11.63 5.97 10.31
C ARG A 141 10.96 7.34 10.40
N ARG A 142 10.70 7.98 9.25
CA ARG A 142 10.02 9.27 9.28
C ARG A 142 8.56 9.12 9.69
N LEU A 143 7.89 8.06 9.21
CA LEU A 143 6.51 7.82 9.61
C LEU A 143 6.42 7.58 11.12
N ALA A 144 7.32 6.77 11.66
CA ALA A 144 7.33 6.51 13.10
C ALA A 144 7.58 7.79 13.89
N ASP A 145 8.49 8.64 13.41
CA ASP A 145 8.77 9.90 14.09
C ASP A 145 7.55 10.82 14.09
N LEU A 146 6.83 10.87 12.97
CA LEU A 146 5.64 11.70 12.88
C LEU A 146 4.52 11.24 13.81
N GLY A 147 4.56 9.97 14.24
CA GLY A 147 3.44 9.40 14.96
C GLY A 147 2.44 8.67 14.09
N ILE A 148 2.71 8.55 12.80
CA ILE A 148 1.87 7.76 11.89
C ILE A 148 2.53 6.38 11.84
N MET A 149 2.05 5.48 12.70
CA MET A 149 2.69 4.18 12.89
C MET A 149 2.76 3.40 11.59
N PRO A 150 3.96 3.10 11.08
CA PRO A 150 4.06 2.25 9.88
C PRO A 150 3.72 0.82 10.24
N VAL A 151 2.69 0.27 9.60
CA VAL A 151 2.20 -1.07 9.88
C VAL A 151 2.62 -1.97 8.73
N MET A 152 3.62 -2.80 8.97
CA MET A 152 4.08 -3.79 7.99
C MET A 152 3.27 -5.08 8.13
N PHE A 153 3.39 -5.93 7.11
CA PHE A 153 2.65 -7.19 7.09
C PHE A 153 3.25 -8.09 6.03
N GLY A 154 2.99 -9.40 6.17
CA GLY A 154 3.42 -10.37 5.20
C GLY A 154 2.95 -10.03 3.79
N ASP A 155 3.76 -10.36 2.78
CA ASP A 155 3.49 -9.86 1.43
C ASP A 155 4.32 -10.66 0.43
N VAL A 156 3.85 -10.67 -0.81
CA VAL A 156 4.71 -11.05 -1.93
C VAL A 156 5.72 -9.93 -2.15
N VAL A 157 6.98 -10.31 -2.36
CA VAL A 157 8.04 -9.32 -2.53
C VAL A 157 8.88 -9.70 -3.75
N PRO A 158 9.29 -8.74 -4.57
CA PRO A 158 10.23 -9.07 -5.66
C PRO A 158 11.51 -9.70 -5.11
N ASP A 159 11.98 -10.73 -5.81
CA ASP A 159 13.15 -11.48 -5.40
C ASP A 159 14.26 -11.34 -6.45
N ARG A 160 15.48 -11.10 -5.98
CA ARG A 160 16.61 -10.91 -6.89
C ARG A 160 17.02 -12.20 -7.61
N LYS A 161 16.48 -13.35 -7.20
CA LYS A 161 16.83 -14.62 -7.83
C LYS A 161 15.62 -15.37 -8.37
N LYS A 162 14.56 -15.50 -7.57
CA LYS A 162 13.40 -16.31 -7.94
C LYS A 162 12.26 -15.47 -8.53
N GLY A 163 12.53 -14.25 -8.95
CA GLY A 163 11.48 -13.40 -9.49
C GLY A 163 10.65 -12.76 -8.40
N PHE A 164 9.97 -13.57 -7.60
CA PHE A 164 9.28 -13.08 -6.41
C PHE A 164 9.40 -14.12 -5.30
N ALA A 165 9.16 -13.66 -4.07
CA ALA A 165 9.13 -14.54 -2.91
C ALA A 165 8.08 -13.99 -1.94
N ILE A 166 7.99 -14.61 -0.77
CA ILE A 166 7.06 -14.18 0.26
C ILE A 166 7.87 -13.88 1.52
N VAL A 167 7.69 -12.67 2.05
CA VAL A 167 8.23 -12.32 3.36
C VAL A 167 7.12 -12.47 4.38
N SER A 168 7.46 -13.01 5.55
CA SER A 168 6.49 -13.19 6.60
C SER A 168 6.47 -11.96 7.50
N GLY A 169 5.31 -11.71 8.11
CA GLY A 169 5.25 -10.71 9.17
C GLY A 169 6.20 -11.05 10.31
N ASP A 170 6.50 -12.34 10.49
CA ASP A 170 7.49 -12.74 11.48
C ASP A 170 8.86 -12.13 11.17
N GLN A 171 9.28 -12.18 9.90
CA GLN A 171 10.55 -11.54 9.54
C GLN A 171 10.43 -10.03 9.57
N CYS A 172 9.27 -9.48 9.21
CA CYS A 172 9.05 -8.04 9.35
C CYS A 172 9.28 -7.61 10.79
N MET A 173 8.89 -8.44 11.75
CA MET A 173 9.19 -8.18 13.15
C MET A 173 10.70 -8.13 13.37
N GLU A 174 11.43 -9.04 12.74
CA GLU A 174 12.89 -9.07 12.91
C GLU A 174 13.54 -7.82 12.35
N VAL A 175 13.08 -7.36 11.19
CA VAL A 175 13.63 -6.14 10.59
C VAL A 175 13.39 -4.95 11.52
N LEU A 176 12.16 -4.81 12.03
CA LEU A 176 11.85 -3.71 12.94
C LEU A 176 12.61 -3.83 14.24
N CYS A 177 12.83 -5.06 14.72
CA CYS A 177 13.56 -5.24 15.98
C CYS A 177 14.97 -4.68 15.88
N ARG A 178 15.71 -5.06 14.83
CA ARG A 178 17.05 -4.53 14.64
C ARG A 178 17.06 -3.08 14.17
N MET A 179 15.90 -2.56 13.72
CA MET A 179 15.82 -1.17 13.29
C MET A 179 15.54 -0.22 14.46
N PHE A 180 14.70 -0.63 15.40
CA PHE A 180 14.26 0.27 16.47
C PHE A 180 14.62 -0.21 17.87
N ASP A 181 15.15 -1.42 18.02
CA ASP A 181 15.58 -1.97 19.31
C ASP A 181 14.46 -1.84 20.34
N PRO A 182 13.40 -2.64 20.24
CA PRO A 182 12.33 -2.56 21.24
C PRO A 182 12.75 -3.16 22.56
N GLU A 183 12.10 -2.71 23.62
CA GLU A 183 12.29 -3.31 24.93
C GLU A 183 11.53 -4.63 25.08
N LYS A 184 10.48 -4.82 24.29
CA LYS A 184 9.64 -6.01 24.40
C LYS A 184 9.14 -6.38 23.02
N VAL A 185 8.93 -7.68 22.81
CA VAL A 185 8.44 -8.21 21.54
C VAL A 185 7.29 -9.17 21.85
N VAL A 186 6.11 -8.88 21.28
CA VAL A 186 4.90 -9.62 21.62
C VAL A 186 4.28 -10.16 20.34
N PHE A 187 4.17 -11.48 20.23
CA PHE A 187 3.41 -12.14 19.18
C PHE A 187 2.03 -12.49 19.71
N VAL A 188 1.02 -12.22 18.90
CA VAL A 188 -0.38 -12.46 19.27
C VAL A 188 -0.95 -13.49 18.30
N SER A 189 -1.35 -14.64 18.84
CA SER A 189 -1.93 -15.71 18.04
C SER A 189 -3.08 -16.34 18.81
N ASP A 190 -3.69 -17.36 18.23
CA ASP A 190 -4.89 -17.98 18.79
C ASP A 190 -4.57 -19.10 19.79
N ILE A 191 -3.37 -19.11 20.34
CA ILE A 191 -2.95 -20.15 21.28
C ILE A 191 -2.38 -19.48 22.52
N ASP A 192 -2.57 -20.14 23.67
CA ASP A 192 -2.00 -19.63 24.92
C ASP A 192 -0.48 -19.56 24.84
N GLY A 193 0.13 -20.37 23.98
CA GLY A 193 1.55 -20.32 23.77
C GLY A 193 1.99 -21.50 22.92
N LEU A 194 3.30 -21.73 22.90
CA LEU A 194 3.82 -22.95 22.31
C LEU A 194 3.52 -24.13 23.22
N TYR A 195 3.03 -25.22 22.65
CA TYR A 195 2.74 -26.43 23.40
C TYR A 195 3.74 -27.52 23.02
N THR A 196 3.74 -28.59 23.82
CA THR A 196 4.50 -29.78 23.45
C THR A 196 3.99 -30.38 22.15
N ALA A 197 2.71 -30.21 21.87
CA ALA A 197 2.12 -30.62 20.60
C ALA A 197 0.88 -29.79 20.36
N ASP A 198 0.47 -29.72 19.11
CA ASP A 198 -0.70 -28.91 18.73
C ASP A 198 -1.91 -29.34 19.55
N PRO A 199 -2.66 -28.40 20.13
CA PRO A 199 -3.92 -28.77 20.80
C PRO A 199 -4.94 -29.44 19.89
N LYS A 200 -4.50 -30.41 19.09
CA LYS A 200 -5.39 -31.43 18.55
C LYS A 200 -5.21 -32.77 19.27
N THR A 201 -4.04 -33.00 19.87
CA THR A 201 -3.83 -34.11 20.79
C THR A 201 -4.04 -33.61 22.21
N ASP A 202 -4.77 -34.37 23.01
CA ASP A 202 -5.15 -33.93 24.34
C ASP A 202 -4.03 -34.07 25.36
N LYS A 203 -2.89 -34.63 24.96
CA LYS A 203 -1.70 -34.62 25.80
C LYS A 203 -0.92 -33.32 25.69
N LYS A 204 -1.45 -32.34 24.94
CA LYS A 204 -0.86 -31.01 24.82
C LYS A 204 -0.43 -30.48 26.18
N ALA A 205 0.74 -29.86 26.22
CA ALA A 205 1.27 -29.29 27.45
C ALA A 205 1.86 -27.93 27.16
N ARG A 206 1.31 -26.90 27.79
CA ARG A 206 1.83 -25.55 27.61
C ARG A 206 3.29 -25.49 28.01
N LEU A 207 4.09 -24.83 27.18
CA LEU A 207 5.52 -24.68 27.41
C LEU A 207 5.78 -23.32 28.03
N ILE A 208 6.49 -23.29 29.15
CA ILE A 208 6.66 -22.05 29.90
C ILE A 208 7.65 -21.13 29.19
N GLY A 209 8.91 -21.57 29.08
CA GLY A 209 9.95 -20.77 28.48
C GLY A 209 10.59 -21.48 27.30
N GLU A 210 10.58 -20.84 26.14
CA GLU A 210 11.12 -21.44 24.93
C GLU A 210 12.65 -21.44 24.96
N VAL A 211 13.22 -22.62 24.77
CA VAL A 211 14.63 -22.77 24.44
C VAL A 211 14.71 -23.59 23.15
N THR A 212 15.88 -23.55 22.52
CA THR A 212 16.06 -24.25 21.26
C THR A 212 15.71 -25.73 21.39
N ARG A 213 16.17 -26.37 22.45
CA ARG A 213 15.96 -27.81 22.59
C ARG A 213 14.51 -28.15 22.92
N LYS A 214 13.84 -27.30 23.71
CA LYS A 214 12.46 -27.59 24.10
C LYS A 214 11.49 -27.59 22.92
N LYS A 215 11.92 -27.11 21.75
CA LYS A 215 11.09 -27.14 20.55
C LYS A 215 11.49 -28.22 19.56
N LEU A 216 12.80 -28.43 19.37
CA LEU A 216 13.28 -29.44 18.43
C LEU A 216 12.86 -30.84 18.87
N ALA A 219 9.50 -31.04 20.81
CA ALA A 219 8.12 -30.60 20.68
C ALA A 219 7.59 -30.88 19.28
N LEU A 220 6.30 -31.23 19.20
CA LEU A 220 5.66 -31.57 17.93
C LEU A 220 4.93 -30.33 17.41
N THR A 221 5.40 -29.81 16.28
CA THR A 221 4.81 -28.64 15.64
C THR A 221 4.32 -29.04 14.25
N ASP A 222 3.02 -29.02 14.05
CA ASP A 222 2.41 -29.39 12.78
C ASP A 222 1.58 -28.23 12.23
N ILE A 223 1.17 -28.38 10.97
CA ILE A 223 0.40 -27.36 10.27
C ILE A 223 -0.84 -28.02 9.69
N THR A 224 -2.02 -27.56 10.11
CA THR A 224 -3.30 -28.12 9.66
C THR A 224 -4.16 -27.11 8.91
N VAL A 225 -3.64 -25.91 8.63
CA VAL A 225 -4.35 -24.91 7.85
C VAL A 225 -3.41 -24.42 6.75
N ALA A 226 -3.98 -23.66 5.82
CA ALA A 226 -3.20 -23.12 4.71
C ALA A 226 -2.06 -22.25 5.25
N ASP A 227 -0.84 -22.64 4.94
CA ASP A 227 0.34 -21.93 5.45
C ASP A 227 1.43 -21.97 4.38
N VAL A 228 2.32 -20.99 4.45
CA VAL A 228 3.36 -20.79 3.45
C VAL A 228 4.65 -20.37 4.13
N THR A 229 4.59 -19.95 5.40
CA THR A 229 5.74 -19.34 6.06
C THR A 229 6.19 -20.03 7.34
N GLY A 230 5.69 -21.23 7.67
CA GLY A 230 6.35 -22.07 8.65
C GLY A 230 5.61 -22.31 9.96
N GLY A 231 4.54 -21.57 10.24
CA GLY A 231 3.76 -21.89 11.44
C GLY A 231 4.43 -21.54 12.76
N VAL A 232 4.00 -22.23 13.81
CA VAL A 232 4.47 -21.92 15.17
C VAL A 232 5.97 -22.08 15.27
N HIS A 233 6.52 -23.09 14.59
CA HIS A 233 7.96 -23.34 14.68
C HIS A 233 8.76 -22.15 14.16
N SER A 234 8.36 -21.59 13.02
CA SER A 234 9.09 -20.45 12.47
C SER A 234 8.94 -19.22 13.34
N LYS A 235 7.75 -19.03 13.93
CA LYS A 235 7.57 -17.93 14.87
C LYS A 235 8.43 -18.12 16.11
N MET A 236 8.63 -19.38 16.53
CA MET A 236 9.48 -19.65 17.69
C MET A 236 10.93 -19.30 17.41
N GLU A 237 11.44 -19.66 16.22
CA GLU A 237 12.81 -19.33 15.87
C GLU A 237 13.03 -17.83 15.83
N ALA A 238 12.10 -17.10 15.21
CA ALA A 238 12.18 -15.64 15.19
C ALA A 238 12.20 -15.09 16.61
N MET A 239 11.32 -15.60 17.47
CA MET A 239 11.32 -15.18 18.88
C MET A 239 12.67 -15.43 19.53
N LEU A 240 13.24 -16.64 19.32
CA LEU A 240 14.53 -16.96 19.91
C LEU A 240 15.63 -16.08 19.34
N ARG A 241 15.55 -15.75 18.05
CA ARG A 241 16.57 -14.91 17.43
C ARG A 241 16.51 -13.48 17.97
N MET A 242 15.33 -13.00 18.35
CA MET A 242 15.15 -11.62 18.74
C MET A 242 15.43 -11.35 20.22
N THR A 243 15.60 -12.39 21.03
CA THR A 243 15.94 -12.19 22.43
C THR A 243 17.33 -11.56 22.55
N ASP A 244 17.53 -10.81 23.63
CA ASP A 244 18.77 -10.08 23.83
C ASP A 244 19.02 -9.93 25.33
N ARG A 245 20.04 -9.14 25.67
CA ARG A 245 20.40 -8.93 27.07
C ARG A 245 19.24 -8.32 27.86
N ASN A 246 18.50 -7.41 27.24
CA ASN A 246 17.37 -6.76 27.88
C ASN A 246 16.20 -6.67 26.90
N ARG A 247 15.74 -7.82 26.43
CA ARG A 247 14.57 -7.88 25.56
C ARG A 247 13.97 -9.27 25.65
N ARG A 248 12.73 -9.36 26.12
CA ARG A 248 11.99 -10.61 26.16
C ARG A 248 11.01 -10.67 24.99
N CYS A 249 10.74 -11.89 24.54
CA CYS A 249 9.82 -12.13 23.44
C CYS A 249 8.71 -13.06 23.92
N TYR A 250 7.46 -12.62 23.75
CA TYR A 250 6.30 -13.32 24.28
C TYR A 250 5.39 -13.79 23.15
N LEU A 251 4.67 -14.87 23.40
CA LEU A 251 3.58 -15.34 22.55
C LEU A 251 2.33 -15.44 23.41
N VAL A 252 1.31 -14.68 23.07
CA VAL A 252 0.13 -14.53 23.92
C VAL A 252 -1.13 -14.83 23.11
N ASN A 253 -2.13 -15.38 23.79
CA ASN A 253 -3.40 -15.73 23.15
C ASN A 253 -4.24 -14.47 23.00
N GLY A 254 -4.38 -13.98 21.77
CA GLY A 254 -5.19 -12.80 21.51
C GLY A 254 -6.69 -13.03 21.65
N ASN A 255 -7.13 -14.28 21.66
CA ASN A 255 -8.55 -14.57 21.84
C ASN A 255 -8.97 -14.52 23.30
N ALA A 256 -8.03 -14.36 24.23
CA ALA A 256 -8.35 -14.24 25.65
C ALA A 256 -8.57 -12.77 25.97
N PRO A 257 -9.79 -12.35 26.31
CA PRO A 257 -10.05 -10.92 26.52
C PRO A 257 -9.16 -10.33 27.60
N ASN A 258 -8.58 -9.16 27.29
CA ASN A 258 -7.75 -8.34 28.17
C ASN A 258 -6.38 -8.97 28.48
N ARG A 259 -6.06 -10.13 27.92
CA ARG A 259 -4.76 -10.73 28.21
C ARG A 259 -3.63 -9.94 27.55
N LEU A 260 -3.84 -9.45 26.33
CA LEU A 260 -2.83 -8.60 25.70
C LEU A 260 -2.65 -7.30 26.47
N TYR A 261 -3.76 -6.70 26.91
CA TYR A 261 -3.69 -5.48 27.70
C TYR A 261 -2.86 -5.70 28.97
N SER A 262 -3.11 -6.82 29.66
CA SER A 262 -2.37 -7.09 30.90
C SER A 262 -0.89 -7.33 30.63
N LEU A 263 -0.55 -7.90 29.47
CA LEU A 263 0.86 -8.13 29.15
C LEU A 263 1.60 -6.82 28.94
N LEU A 264 1.01 -5.91 28.17
CA LEU A 264 1.65 -4.62 27.93
C LEU A 264 1.74 -3.79 29.20
N LYS A 265 0.82 -3.98 30.14
CA LYS A 265 0.89 -3.33 31.43
C LYS A 265 1.92 -3.95 32.36
N GLY A 266 2.41 -5.15 32.03
CA GLY A 266 3.36 -5.85 32.87
C GLY A 266 2.77 -6.82 33.86
N GLU A 267 1.46 -7.05 33.81
CA GLU A 267 0.81 -7.95 34.75
C GLU A 267 1.03 -9.40 34.36
N THR A 268 0.83 -10.29 35.33
CA THR A 268 1.04 -11.71 35.11
C THR A 268 -0.06 -12.28 34.21
N VAL A 269 0.35 -12.95 33.14
CA VAL A 269 -0.56 -13.61 32.23
C VAL A 269 0.02 -14.97 31.84
N THR A 270 -0.86 -15.93 31.61
CA THR A 270 -0.45 -17.22 31.08
C THR A 270 0.00 -17.04 29.64
N CYS A 271 1.26 -17.39 29.36
CA CYS A 271 1.85 -17.16 28.06
C CYS A 271 3.17 -17.92 27.99
N THR A 272 3.82 -17.84 26.83
CA THR A 272 5.15 -18.38 26.64
C THR A 272 6.14 -17.25 26.37
N VAL A 273 7.35 -17.39 26.89
CA VAL A 273 8.39 -16.38 26.73
C VAL A 273 9.66 -17.05 26.25
N ALA A 274 10.44 -16.31 25.47
CA ALA A 274 11.75 -16.79 25.01
C ALA A 274 12.86 -16.11 25.79
N VAL B 15 19.89 9.15 -27.48
CA VAL B 15 19.39 8.47 -26.30
C VAL B 15 18.11 7.72 -26.63
N PRO B 16 18.18 6.39 -26.69
CA PRO B 16 17.05 5.60 -27.21
C PRO B 16 15.95 5.41 -26.18
N ARG B 17 14.84 4.85 -26.66
CA ARG B 17 13.71 4.46 -25.83
C ARG B 17 13.56 2.95 -25.85
N GLY B 18 13.34 2.36 -24.67
CA GLY B 18 13.18 0.93 -24.60
C GLY B 18 11.85 0.49 -24.02
N SER B 19 10.76 1.17 -24.42
CA SER B 19 9.46 0.92 -23.83
C SER B 19 8.37 1.20 -24.85
N HIS B 20 7.29 0.42 -24.76
CA HIS B 20 6.04 0.68 -25.47
C HIS B 20 4.96 1.18 -24.53
N MET B 21 5.32 1.45 -23.27
CA MET B 21 4.33 1.66 -22.23
C MET B 21 3.66 3.03 -22.39
N ILE B 22 2.35 3.06 -22.16
CA ILE B 22 1.56 4.29 -22.21
C ILE B 22 1.19 4.65 -20.77
N LEU B 23 1.62 5.83 -20.33
CA LEU B 23 1.41 6.27 -18.96
C LEU B 23 0.05 6.97 -18.87
N ILE B 24 -0.81 6.50 -17.97
CA ILE B 24 -2.20 6.95 -17.89
C ILE B 24 -2.49 7.38 -16.46
N LYS B 25 -3.10 8.55 -16.31
CA LYS B 25 -3.62 9.00 -15.02
C LYS B 25 -5.14 9.04 -15.05
N LEU B 26 -5.77 8.27 -14.16
CA LEU B 26 -7.21 8.35 -13.95
C LEU B 26 -7.46 9.41 -12.89
N GLY B 27 -7.91 10.58 -13.31
CA GLY B 27 -8.03 11.71 -12.41
C GLY B 27 -9.07 11.48 -11.33
N GLY B 28 -8.88 12.17 -10.19
CA GLY B 28 -9.82 12.05 -9.09
C GLY B 28 -11.18 12.59 -9.44
N SER B 29 -11.25 13.52 -10.39
CA SER B 29 -12.54 14.06 -10.83
C SER B 29 -13.39 13.01 -11.52
N VAL B 30 -12.78 11.92 -11.97
CA VAL B 30 -13.46 10.89 -12.72
C VAL B 30 -13.69 9.62 -11.90
N ILE B 31 -12.72 9.24 -11.07
CA ILE B 31 -12.84 8.01 -10.29
C ILE B 31 -13.66 8.20 -9.02
N THR B 32 -13.88 9.44 -8.60
CA THR B 32 -14.75 9.74 -7.46
C THR B 32 -15.65 10.91 -7.82
N ASP B 33 -16.60 11.19 -6.94
CA ASP B 33 -17.47 12.36 -7.06
C ASP B 33 -16.86 13.47 -6.20
N LYS B 34 -16.23 14.44 -6.87
CA LYS B 34 -15.62 15.56 -6.15
C LYS B 34 -16.62 16.33 -5.30
N SER B 35 -17.91 16.18 -5.58
CA SER B 35 -18.94 16.84 -4.77
C SER B 35 -19.09 16.13 -3.43
N GLU B 36 -19.55 14.88 -3.45
CA GLU B 36 -19.69 14.11 -2.22
C GLU B 36 -18.32 13.69 -1.68
N TYR B 37 -18.34 12.91 -0.61
CA TYR B 37 -17.11 12.46 0.05
C TYR B 37 -17.04 10.94 0.04
N HIS B 38 -15.82 10.42 -0.11
CA HIS B 38 -15.52 8.99 -0.01
C HIS B 38 -16.44 8.15 -0.89
N LYS B 39 -16.74 8.67 -2.08
CA LYS B 39 -17.68 8.07 -3.00
C LYS B 39 -16.94 7.59 -4.23
N PHE B 40 -16.99 6.29 -4.49
CA PHE B 40 -16.27 5.67 -5.60
C PHE B 40 -17.20 5.46 -6.78
N ASN B 41 -16.79 5.94 -7.97
CA ASN B 41 -17.57 5.79 -9.19
C ASN B 41 -17.23 4.44 -9.83
N LYS B 42 -17.91 3.40 -9.36
CA LYS B 42 -17.59 2.05 -9.82
C LYS B 42 -17.86 1.88 -11.31
N GLU B 43 -18.97 2.44 -11.80
CA GLU B 43 -19.32 2.30 -13.21
C GLU B 43 -18.24 2.91 -14.10
N THR B 44 -17.81 4.14 -13.79
CA THR B 44 -16.85 4.82 -14.64
C THR B 44 -15.49 4.13 -14.62
N VAL B 45 -14.99 3.79 -13.43
CA VAL B 45 -13.69 3.15 -13.33
C VAL B 45 -13.72 1.79 -14.01
N SER B 46 -14.81 1.05 -13.85
CA SER B 46 -14.95 -0.24 -14.53
C SER B 46 -14.93 -0.07 -16.04
N ARG B 47 -15.58 0.98 -16.55
CA ARG B 47 -15.58 1.20 -17.99
C ARG B 47 -14.20 1.59 -18.49
N LEU B 48 -13.50 2.45 -17.75
CA LEU B 48 -12.15 2.85 -18.15
C LEU B 48 -11.19 1.67 -18.10
N ALA B 49 -11.31 0.82 -17.07
CA ALA B 49 -10.50 -0.39 -17.01
C ALA B 49 -10.77 -1.29 -18.22
N ASP B 50 -12.04 -1.40 -18.62
CA ASP B 50 -12.39 -2.18 -19.80
C ASP B 50 -11.82 -1.53 -21.07
N GLU B 51 -11.89 -0.21 -21.16
CA GLU B 51 -11.33 0.49 -22.32
C GLU B 51 -9.83 0.29 -22.40
N ILE B 52 -9.14 0.31 -21.26
CA ILE B 52 -7.70 0.05 -21.24
C ILE B 52 -7.42 -1.37 -21.70
N ARG B 53 -8.22 -2.34 -21.21
CA ARG B 53 -8.02 -3.73 -21.58
C ARG B 53 -8.26 -3.94 -23.08
N ARG B 54 -9.35 -3.37 -23.61
CA ARG B 54 -9.68 -3.57 -25.01
C ARG B 54 -8.62 -2.99 -25.95
N SER B 55 -7.95 -1.92 -25.53
CA SER B 55 -6.95 -1.28 -26.39
C SER B 55 -5.75 -2.19 -26.63
N GLY B 56 -5.51 -3.17 -25.76
CA GLY B 56 -4.40 -4.08 -25.93
C GLY B 56 -3.04 -3.47 -25.74
N GLN B 57 -2.96 -2.26 -25.21
CA GLN B 57 -1.69 -1.57 -25.03
C GLN B 57 -1.06 -1.93 -23.68
N ASP B 58 0.26 -1.77 -23.62
CA ASP B 58 0.97 -1.85 -22.35
C ASP B 58 0.87 -0.51 -21.65
N VAL B 59 0.35 -0.50 -20.43
CA VAL B 59 0.05 0.74 -19.74
C VAL B 59 0.58 0.69 -18.31
N MET B 60 0.69 1.87 -17.71
CA MET B 60 0.98 2.03 -16.29
C MET B 60 0.04 3.10 -15.77
N VAL B 61 -0.76 2.77 -14.75
CA VAL B 61 -1.85 3.62 -14.32
C VAL B 61 -1.48 4.33 -13.03
N VAL B 62 -1.62 5.66 -13.04
CA VAL B 62 -1.67 6.48 -11.84
C VAL B 62 -3.12 6.93 -11.66
N HIS B 63 -3.49 7.23 -10.43
CA HIS B 63 -4.81 7.80 -10.19
C HIS B 63 -4.74 8.88 -9.12
N GLY B 64 -5.79 9.69 -9.05
CA GLY B 64 -5.85 10.75 -8.06
C GLY B 64 -6.33 10.25 -6.72
N ALA B 65 -6.33 11.16 -5.74
CA ALA B 65 -6.69 10.83 -4.37
C ALA B 65 -8.18 10.96 -4.10
N GLY B 66 -8.96 11.55 -5.00
CA GLY B 66 -10.38 11.58 -4.84
C GLY B 66 -10.86 12.67 -3.88
N SER B 67 -12.18 12.68 -3.67
CA SER B 67 -12.82 13.81 -3.02
C SER B 67 -12.53 13.87 -1.52
N PHE B 68 -12.61 12.72 -0.83
CA PHE B 68 -12.47 12.76 0.62
C PHE B 68 -11.05 13.07 1.05
N GLY B 69 -10.05 12.60 0.29
CA GLY B 69 -8.67 12.93 0.61
C GLY B 69 -8.39 14.43 0.46
N HIS B 70 -8.89 15.02 -0.63
CA HIS B 70 -8.70 16.45 -0.85
C HIS B 70 -9.42 17.28 0.20
N VAL B 71 -10.57 16.80 0.69
CA VAL B 71 -11.32 17.56 1.68
C VAL B 71 -10.56 17.61 3.01
N ILE B 72 -10.10 16.46 3.49
CA ILE B 72 -9.40 16.41 4.77
C ILE B 72 -8.09 17.18 4.69
N ALA B 73 -7.37 17.03 3.57
CA ALA B 73 -6.07 17.69 3.44
C ALA B 73 -6.21 19.21 3.46
N LYS B 74 -7.26 19.73 2.82
CA LYS B 74 -7.46 21.18 2.83
C LYS B 74 -7.88 21.66 4.22
N LYS B 75 -8.76 20.92 4.89
CA LYS B 75 -9.22 21.32 6.21
C LYS B 75 -8.07 21.41 7.20
N TYR B 76 -7.12 20.48 7.12
CA TYR B 76 -6.01 20.41 8.05
C TYR B 76 -4.71 20.97 7.47
N ALA B 77 -4.78 21.57 6.28
CA ALA B 77 -3.62 22.20 5.63
C ALA B 77 -2.43 21.25 5.59
N ILE B 78 -2.69 20.01 5.17
CA ILE B 78 -1.64 18.99 5.14
C ILE B 78 -0.54 19.39 4.17
N GLN B 79 -0.91 20.02 3.06
CA GLN B 79 0.07 20.40 2.05
C GLN B 79 1.06 21.44 2.55
N ASP B 80 0.73 22.15 3.63
CA ASP B 80 1.61 23.19 4.15
C ASP B 80 2.58 22.67 5.21
N GLY B 81 2.50 21.40 5.58
CA GLY B 81 3.46 20.79 6.47
C GLY B 81 2.87 20.51 7.84
N HIS B 82 3.68 19.84 8.66
CA HIS B 82 3.29 19.44 10.01
C HIS B 82 3.50 20.60 10.96
N VAL B 83 2.41 21.22 11.41
CA VAL B 83 2.49 22.37 12.29
C VAL B 83 1.88 22.11 13.67
N ASP B 84 1.02 21.12 13.83
CA ASP B 84 0.52 20.76 15.15
C ASP B 84 0.06 19.31 15.13
N ASP B 85 -0.18 18.78 16.34
CA ASP B 85 -0.43 17.34 16.49
C ASP B 85 -1.80 16.92 15.99
N GLY B 86 -2.75 17.84 15.91
CA GLY B 86 -4.06 17.50 15.37
C GLY B 86 -4.02 17.01 13.94
N GLN B 87 -2.96 17.35 13.20
CA GLN B 87 -2.82 16.91 11.82
C GLN B 87 -2.47 15.44 11.70
N ILE B 88 -1.92 14.83 12.75
CA ILE B 88 -1.42 13.47 12.67
C ILE B 88 -2.57 12.48 12.48
N PRO B 89 -3.64 12.49 13.30
CA PRO B 89 -4.75 11.58 13.01
C PRO B 89 -5.47 11.91 11.72
N ALA B 90 -5.50 13.19 11.32
CA ALA B 90 -6.16 13.55 10.07
C ALA B 90 -5.39 13.00 8.87
N ALA B 91 -4.05 13.08 8.91
CA ALA B 91 -3.25 12.55 7.81
C ALA B 91 -3.40 11.04 7.70
N ALA B 92 -3.35 10.34 8.84
CA ALA B 92 -3.50 8.88 8.82
C ALA B 92 -4.87 8.49 8.29
N ARG B 93 -5.92 9.22 8.67
CA ARG B 93 -7.25 8.95 8.15
C ARG B 93 -7.30 9.17 6.64
N ALA B 94 -6.66 10.24 6.17
CA ALA B 94 -6.68 10.53 4.73
C ALA B 94 -5.88 9.50 3.94
N MET B 95 -4.77 9.03 4.52
CA MET B 95 -3.95 8.03 3.82
C MET B 95 -4.66 6.69 3.73
N CYS B 96 -5.43 6.33 4.77
CA CYS B 96 -6.20 5.09 4.72
C CYS B 96 -7.29 5.16 3.65
N ASP B 97 -7.93 6.32 3.52
CA ASP B 97 -8.98 6.48 2.51
C ASP B 97 -8.43 6.33 1.11
N THR B 98 -7.28 6.96 0.83
CA THR B 98 -6.72 6.89 -0.51
C THR B 98 -6.14 5.51 -0.81
N ARG B 99 -5.65 4.81 0.20
CA ARG B 99 -5.23 3.42 -0.01
C ARG B 99 -6.43 2.52 -0.27
N GLU B 100 -7.56 2.79 0.39
CA GLU B 100 -8.79 2.08 0.08
C GLU B 100 -9.27 2.40 -1.33
N LEU B 101 -9.15 3.67 -1.74
CA LEU B 101 -9.50 4.04 -3.10
C LEU B 101 -8.60 3.33 -4.11
N SER B 102 -7.30 3.25 -3.82
CA SER B 102 -6.38 2.57 -4.72
C SER B 102 -6.73 1.10 -4.87
N SER B 103 -7.07 0.44 -3.76
CA SER B 103 -7.48 -0.96 -3.84
C SER B 103 -8.69 -1.13 -4.74
N MET B 104 -9.61 -0.17 -4.72
CA MET B 104 -10.80 -0.26 -5.56
C MET B 104 -10.45 -0.03 -7.03
N VAL B 105 -9.50 0.85 -7.31
CA VAL B 105 -9.04 1.03 -8.68
C VAL B 105 -8.29 -0.21 -9.16
N VAL B 106 -7.43 -0.77 -8.31
CA VAL B 106 -6.65 -1.94 -8.68
C VAL B 106 -7.58 -3.14 -8.93
N GLU B 107 -8.65 -3.26 -8.14
CA GLU B 107 -9.57 -4.38 -8.31
CA GLU B 107 -9.57 -4.37 -8.32
C GLU B 107 -10.17 -4.37 -9.71
N GLU B 108 -10.51 -3.19 -10.23
CA GLU B 108 -11.06 -3.11 -11.58
C GLU B 108 -10.04 -3.53 -12.63
N LEU B 109 -8.76 -3.26 -12.39
CA LEU B 109 -7.72 -3.71 -13.31
C LEU B 109 -7.56 -5.23 -13.26
N LEU B 110 -7.58 -5.81 -12.05
CA LEU B 110 -7.45 -7.25 -11.92
C LEU B 110 -8.63 -7.97 -12.58
N ALA B 111 -9.84 -7.42 -12.45
CA ALA B 111 -11.01 -8.05 -13.03
C ALA B 111 -10.96 -8.10 -14.55
N GLN B 112 -10.20 -7.20 -15.18
CA GLN B 112 -10.00 -7.22 -16.62
C GLN B 112 -8.82 -8.08 -17.04
N GLY B 113 -8.16 -8.76 -16.10
CA GLY B 113 -6.99 -9.54 -16.43
C GLY B 113 -5.71 -8.74 -16.53
N ILE B 114 -5.66 -7.57 -15.91
CA ILE B 114 -4.45 -6.75 -15.88
C ILE B 114 -3.85 -6.80 -14.48
N PRO B 115 -2.83 -7.61 -14.24
CA PRO B 115 -2.25 -7.70 -12.89
C PRO B 115 -1.62 -6.37 -12.47
N ALA B 116 -1.91 -5.95 -11.25
CA ALA B 116 -1.47 -4.66 -10.75
C ALA B 116 -1.41 -4.70 -9.23
N VAL B 117 -0.71 -3.74 -8.65
CA VAL B 117 -0.62 -3.62 -7.20
C VAL B 117 -0.41 -2.16 -6.84
N SER B 118 -1.02 -1.73 -5.73
CA SER B 118 -0.88 -0.37 -5.27
C SER B 118 0.51 -0.14 -4.69
N VAL B 119 1.11 1.01 -5.05
CA VAL B 119 2.38 1.44 -4.50
C VAL B 119 2.15 2.84 -3.93
N ALA B 120 1.92 2.92 -2.62
CA ALA B 120 1.59 4.20 -1.99
C ALA B 120 2.83 5.04 -1.80
N PRO B 121 2.92 6.22 -2.41
CA PRO B 121 4.14 7.05 -2.24
C PRO B 121 4.47 7.37 -0.80
N GLY B 122 3.49 7.71 0.02
CA GLY B 122 3.74 8.02 1.41
C GLY B 122 4.28 6.85 2.22
N SER B 123 4.19 5.63 1.70
CA SER B 123 4.72 4.46 2.38
C SER B 123 6.10 4.05 1.87
N CYS B 124 6.50 4.53 0.70
CA CYS B 124 7.75 4.09 0.08
C CYS B 124 8.76 5.20 -0.16
N PHE B 125 8.34 6.46 -0.20
CA PHE B 125 9.20 7.55 -0.66
C PHE B 125 9.14 8.71 0.32
N VAL B 126 9.91 9.75 0.01
CA VAL B 126 9.92 10.99 0.78
C VAL B 126 9.79 12.15 -0.20
N MET B 127 9.55 13.33 0.35
CA MET B 127 9.42 14.55 -0.43
C MET B 127 10.41 15.58 0.09
N GLU B 128 10.85 16.47 -0.80
CA GLU B 128 11.73 17.57 -0.43
C GLU B 128 11.63 18.65 -1.50
N ASP B 129 11.37 19.88 -1.07
CA ASP B 129 11.27 21.03 -1.97
C ASP B 129 10.19 20.79 -3.03
N GLY B 130 9.09 20.15 -2.63
CA GLY B 130 7.99 19.89 -3.52
C GLY B 130 8.22 18.77 -4.52
N LYS B 131 9.35 18.07 -4.44
CA LYS B 131 9.68 16.99 -5.37
C LYS B 131 9.57 15.65 -4.66
N LEU B 132 8.93 14.69 -5.33
CA LEU B 132 8.92 13.32 -4.84
C LEU B 132 10.29 12.69 -5.06
N ILE B 133 10.88 12.15 -3.99
CA ILE B 133 12.21 11.57 -4.03
C ILE B 133 12.09 10.06 -4.03
N VAL B 134 12.58 9.42 -5.10
CA VAL B 134 12.63 7.97 -5.19
C VAL B 134 14.09 7.55 -5.12
N ASP B 135 14.59 7.34 -3.90
CA ASP B 135 16.00 6.99 -3.73
C ASP B 135 16.28 5.57 -4.17
N ASN B 136 15.32 4.66 -4.00
CA ASN B 136 15.47 3.26 -4.37
C ASN B 136 14.42 2.93 -5.42
N GLU B 137 14.86 2.78 -6.68
CA GLU B 137 13.96 2.45 -7.78
C GLU B 137 13.82 0.95 -8.01
N GLU B 138 14.60 0.11 -7.32
CA GLU B 138 14.58 -1.31 -7.61
C GLU B 138 13.22 -1.97 -7.42
N PRO B 139 12.51 -1.77 -6.30
CA PRO B 139 11.22 -2.48 -6.15
C PRO B 139 10.21 -2.15 -7.23
N ILE B 140 10.06 -0.88 -7.57
CA ILE B 140 9.10 -0.47 -8.60
C ILE B 140 9.44 -1.11 -9.93
N ARG B 141 10.72 -1.09 -10.31
CA ARG B 141 11.13 -1.64 -11.60
C ARG B 141 10.95 -3.15 -11.64
N ARG B 142 11.20 -3.84 -10.52
CA ARG B 142 11.07 -5.29 -10.51
C ARG B 142 9.61 -5.72 -10.60
N LEU B 143 8.70 -4.98 -9.96
CA LEU B 143 7.29 -5.27 -10.09
C LEU B 143 6.84 -5.14 -11.55
N ALA B 144 7.29 -4.09 -12.22
CA ALA B 144 6.92 -3.88 -13.62
C ALA B 144 7.53 -4.95 -14.52
N ASP B 145 8.76 -5.37 -14.24
CA ASP B 145 9.38 -6.43 -15.04
C ASP B 145 8.71 -7.77 -14.82
N LEU B 146 8.09 -7.96 -13.65
CA LEU B 146 7.35 -9.19 -13.38
C LEU B 146 5.99 -9.23 -14.06
N GLY B 147 5.49 -8.10 -14.55
CA GLY B 147 4.16 -8.03 -15.10
C GLY B 147 3.09 -7.63 -14.11
N ILE B 148 3.47 -7.28 -12.89
CA ILE B 148 2.54 -6.75 -11.89
C ILE B 148 2.66 -5.23 -11.94
N MET B 149 1.67 -4.58 -12.52
CA MET B 149 1.76 -3.15 -12.78
C MET B 149 1.78 -2.36 -11.47
N PRO B 150 2.80 -1.54 -11.21
CA PRO B 150 2.81 -0.71 -10.01
C PRO B 150 1.93 0.52 -10.20
N VAL B 151 0.95 0.69 -9.32
CA VAL B 151 -0.05 1.75 -9.43
C VAL B 151 0.20 2.75 -8.31
N MET B 152 0.71 3.92 -8.68
CA MET B 152 0.94 5.00 -7.73
C MET B 152 -0.24 5.97 -7.74
N PHE B 153 -0.24 6.90 -6.78
CA PHE B 153 -1.37 7.82 -6.62
C PHE B 153 -0.96 8.95 -5.71
N GLY B 154 -1.77 10.01 -5.71
CA GLY B 154 -1.53 11.13 -4.81
C GLY B 154 -1.70 10.70 -3.36
N ASP B 155 -0.82 11.20 -2.50
CA ASP B 155 -0.72 10.67 -1.14
C ASP B 155 -0.07 11.72 -0.24
N VAL B 156 -0.26 11.54 1.06
CA VAL B 156 0.55 12.25 2.05
C VAL B 156 1.89 11.55 2.14
N VAL B 157 2.97 12.32 2.04
CA VAL B 157 4.31 11.76 1.97
C VAL B 157 5.18 12.42 3.03
N PRO B 158 6.02 11.67 3.74
CA PRO B 158 6.97 12.30 4.67
C PRO B 158 7.87 13.29 3.95
N ASP B 159 8.04 14.47 4.54
CA ASP B 159 8.82 15.55 3.96
C ASP B 159 10.08 15.79 4.78
N ARG B 160 11.19 16.06 4.08
CA ARG B 160 12.46 16.23 4.77
C ARG B 160 12.57 17.56 5.49
N LYS B 161 11.78 18.56 5.10
CA LYS B 161 11.83 19.88 5.71
C LYS B 161 10.56 20.29 6.44
N LYS B 162 9.40 19.80 5.99
CA LYS B 162 8.12 20.22 6.56
C LYS B 162 7.42 19.11 7.33
N GLY B 163 8.10 17.99 7.58
CA GLY B 163 7.50 16.88 8.29
C GLY B 163 6.70 15.97 7.37
N PHE B 164 5.67 16.51 6.75
CA PHE B 164 4.98 15.83 5.67
C PHE B 164 4.53 16.86 4.65
N ALA B 165 4.24 16.37 3.45
CA ALA B 165 3.67 17.20 2.38
C ALA B 165 2.73 16.32 1.58
N ILE B 166 2.25 16.85 0.45
CA ILE B 166 1.36 16.10 -0.43
C ILE B 166 1.98 16.04 -1.80
N VAL B 167 2.11 14.83 -2.34
CA VAL B 167 2.45 14.63 -3.73
C VAL B 167 1.16 14.32 -4.50
N SER B 168 1.03 14.91 -5.67
CA SER B 168 -0.16 14.63 -6.47
C SER B 168 0.13 13.50 -7.45
N GLY B 169 -0.95 12.91 -7.97
CA GLY B 169 -0.80 11.93 -9.02
C GLY B 169 -0.11 12.49 -10.25
N ASP B 170 -0.26 13.80 -10.48
CA ASP B 170 0.42 14.43 -11.61
C ASP B 170 1.93 14.38 -11.44
N GLN B 171 2.42 14.68 -10.24
CA GLN B 171 3.85 14.55 -9.97
C GLN B 171 4.28 13.09 -10.06
N CYS B 172 3.45 12.17 -9.59
CA CYS B 172 3.74 10.75 -9.75
C CYS B 172 3.90 10.38 -11.22
N MET B 173 3.15 11.04 -12.12
CA MET B 173 3.31 10.77 -13.54
C MET B 173 4.65 11.25 -14.06
N GLU B 174 5.07 12.45 -13.65
CA GLU B 174 6.38 12.97 -14.09
C GLU B 174 7.51 12.07 -13.61
N VAL B 175 7.40 11.54 -12.39
CA VAL B 175 8.44 10.65 -11.87
C VAL B 175 8.50 9.37 -12.68
N LEU B 176 7.35 8.74 -12.90
CA LEU B 176 7.34 7.50 -13.69
C LEU B 176 7.69 7.76 -15.14
N CYS B 177 7.39 8.96 -15.66
CA CYS B 177 7.82 9.30 -17.02
C CYS B 177 9.34 9.34 -17.11
N ARG B 178 9.99 9.94 -16.11
CA ARG B 178 11.45 9.96 -16.09
C ARG B 178 12.03 8.56 -15.89
N MET B 179 11.35 7.72 -15.09
CA MET B 179 11.88 6.42 -14.77
C MET B 179 11.73 5.43 -15.92
N PHE B 180 10.52 5.35 -16.51
CA PHE B 180 10.21 4.30 -17.47
C PHE B 180 10.16 4.79 -18.91
N ASP B 181 10.27 6.09 -19.15
CA ASP B 181 10.36 6.65 -20.49
C ASP B 181 9.23 6.17 -21.40
N PRO B 182 7.98 6.52 -21.10
CA PRO B 182 6.86 6.04 -21.91
C PRO B 182 6.87 6.64 -23.31
N GLU B 183 6.17 5.96 -24.21
CA GLU B 183 5.96 6.46 -25.55
C GLU B 183 4.87 7.53 -25.58
N LYS B 184 3.89 7.44 -24.69
CA LYS B 184 2.75 8.35 -24.70
C LYS B 184 2.25 8.53 -23.27
N VAL B 185 1.75 9.73 -22.97
CA VAL B 185 1.22 10.08 -21.66
C VAL B 185 -0.21 10.57 -21.85
N VAL B 186 -1.12 10.06 -21.04
CA VAL B 186 -2.55 10.40 -21.16
C VAL B 186 -3.07 10.75 -19.77
N PHE B 187 -3.55 11.98 -19.61
CA PHE B 187 -4.28 12.38 -18.41
C PHE B 187 -5.77 12.23 -18.68
N VAL B 188 -6.46 11.53 -17.79
CA VAL B 188 -7.89 11.28 -17.91
C VAL B 188 -8.61 12.13 -16.86
N SER B 189 -9.39 13.10 -17.32
CA SER B 189 -10.12 13.98 -16.40
C SER B 189 -11.58 14.10 -16.82
N ASP B 190 -12.31 15.04 -16.22
CA ASP B 190 -13.73 15.21 -16.47
C ASP B 190 -14.02 16.34 -17.46
N ILE B 191 -13.06 16.68 -18.32
CA ILE B 191 -13.22 17.75 -19.29
C ILE B 191 -12.66 17.28 -20.62
N ASP B 192 -13.20 17.84 -21.71
CA ASP B 192 -12.69 17.53 -23.04
C ASP B 192 -11.21 17.88 -23.17
N GLY B 193 -10.77 18.92 -22.47
CA GLY B 193 -9.37 19.31 -22.50
C GLY B 193 -9.19 20.64 -21.80
N LEU B 194 -8.07 21.30 -22.11
CA LEU B 194 -7.88 22.66 -21.65
C LEU B 194 -8.76 23.61 -22.45
N TYR B 195 -9.49 24.48 -21.75
CA TYR B 195 -10.37 25.45 -22.38
C TYR B 195 -9.81 26.86 -22.19
N THR B 196 -10.41 27.82 -22.89
CA THR B 196 -10.05 29.22 -22.69
C THR B 196 -10.43 29.69 -21.29
N ALA B 197 -11.43 29.07 -20.68
CA ALA B 197 -11.79 29.31 -19.29
C ALA B 197 -12.47 28.05 -18.77
N ASP B 198 -12.87 28.07 -17.50
CA ASP B 198 -13.55 26.92 -16.93
C ASP B 198 -14.83 26.64 -17.70
N PRO B 199 -14.91 25.52 -18.43
CA PRO B 199 -16.09 25.26 -19.26
C PRO B 199 -17.36 25.06 -18.46
N LYS B 200 -17.25 24.79 -17.16
CA LYS B 200 -18.43 24.62 -16.32
C LYS B 200 -19.07 25.95 -15.94
N THR B 201 -18.28 27.03 -15.92
CA THR B 201 -18.79 28.34 -15.51
C THR B 201 -18.68 29.41 -16.60
N ASP B 202 -18.18 29.07 -17.79
CA ASP B 202 -18.10 30.00 -18.91
C ASP B 202 -18.72 29.31 -20.12
N LYS B 203 -19.95 29.70 -20.47
CA LYS B 203 -20.62 29.10 -21.63
C LYS B 203 -19.91 29.44 -22.93
N LYS B 204 -19.07 30.47 -22.94
CA LYS B 204 -18.31 30.85 -24.13
C LYS B 204 -16.93 30.21 -24.17
N ALA B 205 -16.63 29.30 -23.24
CA ALA B 205 -15.31 28.68 -23.18
C ALA B 205 -15.09 27.81 -24.40
N ARG B 206 -13.89 27.91 -24.98
CA ARG B 206 -13.52 27.18 -26.18
C ARG B 206 -12.43 26.18 -25.87
N LEU B 207 -12.54 24.98 -26.45
CA LEU B 207 -11.54 23.95 -26.26
C LEU B 207 -10.25 24.34 -26.99
N ILE B 208 -9.14 24.32 -26.25
CA ILE B 208 -7.82 24.53 -26.83
C ILE B 208 -7.28 23.15 -27.21
N GLY B 209 -7.32 22.85 -28.50
CA GLY B 209 -6.95 21.51 -28.96
C GLY B 209 -5.47 21.21 -28.82
N GLU B 210 -4.63 22.24 -28.85
CA GLU B 210 -3.19 22.07 -28.76
C GLU B 210 -2.66 23.11 -27.78
N VAL B 211 -2.04 22.65 -26.70
CA VAL B 211 -1.58 23.54 -25.62
C VAL B 211 -0.11 23.87 -25.85
N THR B 212 0.21 25.16 -25.76
CA THR B 212 1.57 25.66 -25.76
C THR B 212 1.76 26.52 -24.53
N ARG B 213 3.02 26.86 -24.23
CA ARG B 213 3.30 27.74 -23.11
C ARG B 213 2.55 29.06 -23.26
N LYS B 214 2.50 29.60 -24.48
CA LYS B 214 1.76 30.83 -24.72
C LYS B 214 0.28 30.65 -24.42
N LYS B 215 -0.34 29.62 -25.01
CA LYS B 215 -1.78 29.45 -24.88
C LYS B 215 -2.17 29.07 -23.46
N LEU B 216 -1.32 28.32 -22.75
CA LEU B 216 -1.62 28.01 -21.36
C LEU B 216 -1.59 29.26 -20.49
N ASP B 217 -0.59 30.13 -20.71
CA ASP B 217 -0.48 31.35 -19.91
C ASP B 217 -1.68 32.26 -20.13
N GLU B 218 -2.17 32.34 -21.36
CA GLU B 218 -3.28 33.23 -21.68
C GLU B 218 -4.64 32.59 -21.47
N ALA B 219 -4.69 31.36 -20.98
CA ALA B 219 -5.96 30.72 -20.64
C ALA B 219 -6.32 31.01 -19.19
N LEU B 220 -7.62 31.05 -18.92
CA LEU B 220 -8.14 31.28 -17.58
C LEU B 220 -8.32 29.93 -16.90
N THR B 221 -7.48 29.64 -15.91
CA THR B 221 -7.49 28.33 -15.25
C THR B 221 -7.87 28.43 -13.79
N ASP B 227 -9.72 20.96 -3.14
CA ASP B 227 -8.69 21.08 -4.16
C ASP B 227 -7.34 21.46 -3.57
N VAL B 228 -6.40 20.52 -3.62
CA VAL B 228 -5.00 20.77 -3.31
C VAL B 228 -4.21 20.35 -4.55
N THR B 229 -2.92 20.72 -4.56
CA THR B 229 -1.95 20.36 -5.59
C THR B 229 -2.25 20.99 -6.95
N GLY B 230 -3.12 22.00 -7.01
CA GLY B 230 -3.42 22.67 -8.25
C GLY B 230 -4.31 21.85 -9.17
N GLY B 231 -4.82 22.52 -10.19
CA GLY B 231 -5.77 21.90 -11.09
C GLY B 231 -5.26 21.73 -12.51
N VAL B 232 -6.01 22.28 -13.47
CA VAL B 232 -5.68 22.08 -14.89
C VAL B 232 -4.33 22.70 -15.21
N HIS B 233 -4.04 23.86 -14.64
CA HIS B 233 -2.78 24.54 -14.94
C HIS B 233 -1.58 23.69 -14.56
N SER B 234 -1.59 23.15 -13.34
CA SER B 234 -0.52 22.26 -12.91
C SER B 234 -0.43 21.04 -13.82
N LYS B 235 -1.58 20.51 -14.24
CA LYS B 235 -1.58 19.36 -15.14
C LYS B 235 -0.97 19.72 -16.49
N MET B 236 -1.36 20.87 -17.05
CA MET B 236 -0.78 21.29 -18.33
C MET B 236 0.71 21.53 -18.22
N GLU B 237 1.17 22.07 -17.10
CA GLU B 237 2.60 22.33 -16.93
C GLU B 237 3.39 21.03 -16.91
N ALA B 238 2.89 20.01 -16.20
CA ALA B 238 3.53 18.70 -16.23
C ALA B 238 3.46 18.10 -17.63
N MET B 239 2.35 18.34 -18.33
CA MET B 239 2.20 17.81 -19.69
C MET B 239 3.25 18.42 -20.63
N LEU B 240 3.43 19.74 -20.57
CA LEU B 240 4.42 20.39 -21.42
C LEU B 240 5.83 19.95 -21.07
N ARG B 241 6.10 19.66 -19.80
CA ARG B 241 7.43 19.23 -19.40
C ARG B 241 7.73 17.81 -19.89
N MET B 242 6.70 16.97 -20.01
CA MET B 242 6.88 15.58 -20.40
C MET B 242 6.90 15.38 -21.91
N THR B 243 6.69 16.43 -22.71
CA THR B 243 6.75 16.34 -24.16
C THR B 243 8.19 16.62 -24.60
N ASP B 244 8.97 15.57 -24.78
CA ASP B 244 10.28 15.66 -25.43
C ASP B 244 10.68 14.26 -25.84
N ARG B 245 11.65 14.20 -26.75
CA ARG B 245 12.14 12.93 -27.30
C ARG B 245 10.98 12.13 -27.91
N ASN B 246 10.16 12.84 -28.71
CA ASN B 246 9.10 12.23 -29.52
C ASN B 246 8.02 11.57 -28.67
N ARG B 247 7.76 12.12 -27.49
CA ARG B 247 6.66 11.68 -26.64
C ARG B 247 5.59 12.77 -26.64
N ARG B 248 4.34 12.37 -26.88
CA ARG B 248 3.20 13.29 -26.86
C ARG B 248 2.35 13.06 -25.63
N CYS B 249 1.76 14.14 -25.11
CA CYS B 249 0.99 14.11 -23.88
C CYS B 249 -0.42 14.63 -24.15
N TYR B 250 -1.41 13.93 -23.61
CA TYR B 250 -2.81 14.19 -23.92
C TYR B 250 -3.62 14.35 -22.64
N LEU B 251 -4.65 15.20 -22.71
CA LEU B 251 -5.70 15.26 -21.72
C LEU B 251 -7.01 14.87 -22.40
N VAL B 252 -7.72 13.90 -21.82
CA VAL B 252 -8.91 13.35 -22.44
C VAL B 252 -10.03 13.26 -21.40
N ASN B 253 -11.27 13.37 -21.87
CA ASN B 253 -12.44 13.33 -21.01
C ASN B 253 -12.81 11.86 -20.74
N GLY B 254 -12.54 11.39 -19.53
CA GLY B 254 -12.89 10.03 -19.17
C GLY B 254 -14.37 9.76 -19.06
N ASN B 255 -15.19 10.80 -19.02
CA ASN B 255 -16.64 10.64 -18.99
C ASN B 255 -17.25 10.49 -20.37
N ALA B 256 -16.43 10.57 -21.43
CA ALA B 256 -16.90 10.29 -22.77
C ALA B 256 -16.63 8.82 -23.08
N PRO B 257 -17.66 7.98 -23.18
CA PRO B 257 -17.42 6.56 -23.40
C PRO B 257 -16.64 6.30 -24.69
N ASN B 258 -15.64 5.42 -24.59
CA ASN B 258 -14.77 4.93 -25.65
C ASN B 258 -13.70 5.94 -26.07
N ARG B 259 -13.66 7.13 -25.48
CA ARG B 259 -12.68 8.12 -25.93
C ARG B 259 -11.27 7.73 -25.53
N LEU B 260 -11.08 7.30 -24.28
CA LEU B 260 -9.76 6.83 -23.87
C LEU B 260 -9.32 5.63 -24.69
N TYR B 261 -10.25 4.71 -24.96
CA TYR B 261 -9.92 3.53 -25.77
C TYR B 261 -9.42 3.93 -27.15
N SER B 262 -10.14 4.84 -27.82
CA SER B 262 -9.74 5.25 -29.16
C SER B 262 -8.40 5.97 -29.14
N LEU B 263 -8.16 6.79 -28.10
CA LEU B 263 -6.86 7.43 -27.97
C LEU B 263 -5.73 6.41 -27.78
N LEU B 264 -5.98 5.39 -26.95
CA LEU B 264 -4.99 4.34 -26.75
C LEU B 264 -4.76 3.53 -28.01
N LYS B 265 -5.78 3.39 -28.86
CA LYS B 265 -5.63 2.71 -30.13
C LYS B 265 -4.93 3.56 -31.18
N GLY B 266 -4.65 4.82 -30.89
CA GLY B 266 -4.00 5.70 -31.84
C GLY B 266 -4.93 6.51 -32.72
N GLU B 267 -6.24 6.45 -32.49
CA GLU B 267 -7.19 7.20 -33.28
C GLU B 267 -7.27 8.65 -32.81
N THR B 268 -7.73 9.52 -33.72
CA THR B 268 -7.90 10.93 -33.40
C THR B 268 -9.20 11.14 -32.64
N VAL B 269 -9.12 11.82 -31.50
CA VAL B 269 -10.27 12.08 -30.64
C VAL B 269 -10.24 13.53 -30.19
N THR B 270 -11.37 13.97 -29.63
CA THR B 270 -11.44 15.27 -28.97
C THR B 270 -10.53 15.27 -27.74
N CYS B 271 -9.59 16.20 -27.69
CA CYS B 271 -8.60 16.21 -26.62
C CYS B 271 -7.75 17.47 -26.71
N THR B 272 -6.94 17.68 -25.68
CA THR B 272 -5.85 18.64 -25.71
C THR B 272 -4.54 17.87 -25.76
N VAL B 273 -3.71 18.17 -26.76
CA VAL B 273 -2.41 17.53 -26.91
C VAL B 273 -1.33 18.60 -26.77
N ALA B 274 -0.22 18.21 -26.15
CA ALA B 274 1.00 19.00 -26.13
C ALA B 274 2.03 18.30 -26.99
N LYS B 275 2.61 19.03 -27.94
CA LYS B 275 3.60 18.43 -28.86
C LYS B 275 4.95 19.10 -28.71
#